data_6LQK
#
_entry.id   6LQK
#
_cell.length_a   36.054
_cell.length_b   75.363
_cell.length_c   143.878
_cell.angle_alpha   90.000
_cell.angle_beta   90.000
_cell.angle_gamma   90.000
#
_symmetry.space_group_name_H-M   'P 21 21 21'
#
loop_
_entity.id
_entity.type
_entity.pdbx_description
1 polymer 'ryanodine receptor'
2 non-polymer 'MAGNESIUM ION'
3 water water
#
_entity_poly.entity_id   1
_entity_poly.type   'polypeptide(L)'
_entity_poly.pdbx_seq_one_letter_code
;MADSEGGSEQDDVSFLRTEDMVCLSCTATGERVCLAAEGFGNRHCFLENIADKNIPPDLSQCVFVIEQALSVRALQELVT
AAGSETGKGTGSGHRTLLYGNAILLRHQNSDMYLACLSTSSSNDKLAFDVGLQQHSQGEACWWTVHPASKQRSEGEKVRV
GDDLILVSVATERYLHTTKENDLSVVNASFHVTHWSVQPYGTGI
;
_entity_poly.pdbx_strand_id   A,B
#
loop_
_chem_comp.id
_chem_comp.type
_chem_comp.name
_chem_comp.formula
MG non-polymer 'MAGNESIUM ION' 'Mg 2'
#
# COMPACT_ATOMS: atom_id res chain seq x y z
N VAL A 13 -33.25 11.59 -16.89
CA VAL A 13 -34.29 10.66 -16.47
C VAL A 13 -34.09 10.23 -15.01
N SER A 14 -32.87 9.81 -14.63
CA SER A 14 -32.65 9.13 -13.35
C SER A 14 -31.25 9.39 -12.80
N PHE A 15 -31.15 9.43 -11.46
CA PHE A 15 -29.99 9.91 -10.73
C PHE A 15 -29.27 8.80 -9.96
N LEU A 16 -27.95 8.88 -9.89
CA LEU A 16 -27.18 7.91 -9.10
C LEU A 16 -27.37 8.16 -7.61
N ARG A 17 -27.48 7.07 -6.84
CA ARG A 17 -27.76 7.16 -5.41
C ARG A 17 -26.89 6.17 -4.63
N THR A 18 -26.59 6.52 -3.38
CA THR A 18 -25.95 5.54 -2.51
C THR A 18 -26.88 4.35 -2.33
N GLU A 19 -26.27 3.21 -1.99
CA GLU A 19 -26.87 1.88 -1.93
C GLU A 19 -27.27 1.36 -3.32
N ASP A 20 -27.10 2.13 -4.39
CA ASP A 20 -27.34 1.59 -5.72
C ASP A 20 -26.26 0.59 -6.11
N MET A 21 -26.66 -0.39 -6.92
CA MET A 21 -25.77 -1.44 -7.41
C MET A 21 -25.48 -1.22 -8.88
N VAL A 22 -24.19 -1.25 -9.25
CA VAL A 22 -23.75 -0.75 -10.54
C VAL A 22 -22.65 -1.61 -11.12
N CYS A 23 -22.43 -1.44 -12.42
CA CYS A 23 -21.19 -1.85 -13.06
C CYS A 23 -20.52 -0.60 -13.61
N LEU A 24 -19.19 -0.64 -13.63
CA LEU A 24 -18.41 0.41 -14.28
C LEU A 24 -17.94 -0.15 -15.61
N SER A 25 -18.20 0.60 -16.69
CA SER A 25 -17.89 0.11 -18.02
C SER A 25 -17.12 1.17 -18.81
N CYS A 26 -16.32 0.70 -19.75
CA CYS A 26 -15.64 1.56 -20.69
C CYS A 26 -15.45 0.81 -22.00
N THR A 27 -14.87 1.50 -22.97
CA THR A 27 -14.63 0.92 -24.28
C THR A 27 -13.15 0.58 -24.36
N ALA A 28 -12.84 -0.71 -24.46
CA ALA A 28 -11.47 -1.19 -24.55
C ALA A 28 -11.28 -1.85 -25.92
N THR A 29 -10.46 -1.25 -26.77
CA THR A 29 -10.19 -1.73 -28.12
C THR A 29 -11.49 -1.99 -28.88
N GLY A 30 -12.42 -1.04 -28.77
CA GLY A 30 -13.71 -1.14 -29.43
C GLY A 30 -14.74 -1.82 -28.58
N GLU A 31 -14.32 -2.87 -27.87
CA GLU A 31 -15.23 -3.70 -27.09
C GLU A 31 -15.73 -2.96 -25.83
N ARG A 32 -16.93 -3.32 -25.39
CA ARG A 32 -17.41 -2.92 -24.08
C ARG A 32 -17.00 -3.95 -23.02
N VAL A 33 -16.58 -3.45 -21.85
CA VAL A 33 -16.08 -4.27 -20.75
C VAL A 33 -16.60 -3.68 -19.45
N CYS A 34 -16.57 -4.49 -18.39
CA CYS A 34 -16.87 -4.00 -17.04
C CYS A 34 -15.70 -4.27 -16.11
N LEU A 35 -15.53 -3.37 -15.15
CA LEU A 35 -14.49 -3.50 -14.13
C LEU A 35 -14.85 -4.63 -13.17
N ALA A 36 -14.04 -5.68 -13.14
CA ALA A 36 -14.33 -6.87 -12.37
C ALA A 36 -13.23 -7.16 -11.35
N ALA A 37 -13.59 -7.93 -10.33
CA ALA A 37 -12.67 -8.35 -9.28
C ALA A 37 -13.16 -9.67 -8.72
N GLU A 38 -12.25 -10.41 -8.10
CA GLU A 38 -12.55 -11.75 -7.62
C GLU A 38 -12.66 -11.86 -6.11
N GLY A 39 -11.76 -11.23 -5.37
CA GLY A 39 -11.80 -11.28 -3.92
C GLY A 39 -10.81 -12.24 -3.28
N PHE A 40 -10.10 -13.02 -4.09
CA PHE A 40 -9.07 -13.93 -3.61
C PHE A 40 -7.83 -13.74 -4.47
N GLY A 41 -6.79 -14.52 -4.16
CA GLY A 41 -5.57 -14.37 -4.92
C GLY A 41 -4.98 -13.00 -4.71
N ASN A 42 -4.46 -12.42 -5.80
CA ASN A 42 -3.89 -11.06 -5.75
C ASN A 42 -4.97 -10.02 -5.51
N ARG A 43 -6.21 -10.31 -5.89
CA ARG A 43 -7.35 -9.40 -5.74
C ARG A 43 -7.26 -8.20 -6.68
N HIS A 44 -6.39 -8.27 -7.69
CA HIS A 44 -6.27 -7.20 -8.68
C HIS A 44 -7.52 -7.11 -9.55
N CYS A 45 -8.00 -5.89 -9.78
CA CYS A 45 -9.11 -5.68 -10.70
C CYS A 45 -8.74 -6.14 -12.11
N PHE A 46 -9.78 -6.30 -12.94
CA PHE A 46 -9.62 -6.73 -14.32
C PHE A 46 -10.90 -6.39 -15.07
N LEU A 47 -10.90 -6.69 -16.37
CA LEU A 47 -12.01 -6.34 -17.23
C LEU A 47 -12.60 -7.57 -17.89
N GLU A 48 -13.93 -7.67 -17.86
CA GLU A 48 -14.67 -8.71 -18.55
C GLU A 48 -15.51 -8.07 -19.65
N ASN A 49 -15.39 -8.61 -20.87
CA ASN A 49 -16.09 -8.04 -22.00
C ASN A 49 -17.57 -8.41 -21.96
N ILE A 50 -18.41 -7.43 -22.20
CA ILE A 50 -19.84 -7.68 -22.29
C ILE A 50 -20.31 -7.30 -23.69
N PRO A 57 -27.19 -12.46 -14.43
CA PRO A 57 -26.69 -13.61 -13.64
C PRO A 57 -25.21 -13.94 -13.90
N ASP A 58 -24.74 -13.72 -15.13
CA ASP A 58 -23.41 -14.18 -15.52
C ASP A 58 -22.41 -13.03 -15.59
N LEU A 59 -22.42 -12.17 -14.58
CA LEU A 59 -21.44 -11.07 -14.51
C LEU A 59 -21.35 -10.59 -13.08
N SER A 60 -21.51 -11.50 -12.13
CA SER A 60 -21.66 -11.11 -10.73
C SER A 60 -20.43 -10.35 -10.23
N GLN A 61 -19.23 -10.77 -10.62
CA GLN A 61 -18.02 -10.12 -10.14
C GLN A 61 -17.87 -8.69 -10.66
N CYS A 62 -18.72 -8.25 -11.59
CA CYS A 62 -18.70 -6.89 -12.09
C CYS A 62 -19.64 -5.96 -11.34
N VAL A 63 -20.01 -6.27 -10.11
CA VAL A 63 -21.07 -5.53 -9.43
C VAL A 63 -20.48 -4.85 -8.21
N PHE A 64 -20.72 -3.55 -8.09
CA PHE A 64 -20.23 -2.76 -6.96
C PHE A 64 -21.42 -2.03 -6.37
N VAL A 65 -21.37 -1.75 -5.07
CA VAL A 65 -22.40 -0.97 -4.41
C VAL A 65 -21.84 0.38 -4.02
N ILE A 66 -22.59 1.44 -4.30
CA ILE A 66 -22.13 2.78 -3.93
C ILE A 66 -22.49 3.01 -2.47
N GLU A 67 -21.55 2.68 -1.58
CA GLU A 67 -21.86 2.57 -0.17
C GLU A 67 -21.95 3.93 0.50
N GLN A 68 -21.07 4.85 0.17
CA GLN A 68 -21.09 6.17 0.77
C GLN A 68 -20.69 7.20 -0.27
N ALA A 69 -21.19 8.41 -0.09
CA ALA A 69 -20.79 9.55 -0.91
C ALA A 69 -20.64 10.74 0.03
N LEU A 70 -19.51 11.45 -0.05
CA LEU A 70 -19.28 12.59 0.83
C LEU A 70 -18.54 13.70 0.12
N SER A 71 -18.80 14.93 0.58
CA SER A 71 -17.88 16.02 0.31
C SER A 71 -16.49 15.61 0.76
N VAL A 72 -15.48 16.09 0.04
CA VAL A 72 -14.11 15.78 0.44
C VAL A 72 -13.80 16.37 1.79
N ARG A 73 -14.43 17.49 2.15
CA ARG A 73 -14.32 18.01 3.51
C ARG A 73 -14.73 16.93 4.51
N ALA A 74 -15.92 16.36 4.32
CA ALA A 74 -16.36 15.29 5.21
C ALA A 74 -15.43 14.09 5.15
N LEU A 75 -15.01 13.70 3.94
CA LEU A 75 -14.11 12.56 3.83
C LEU A 75 -12.86 12.78 4.67
N GLN A 76 -12.25 13.96 4.54
CA GLN A 76 -11.05 14.27 5.31
C GLN A 76 -11.39 14.38 6.79
N GLU A 77 -12.56 14.88 7.12
CA GLU A 77 -12.98 14.89 8.52
C GLU A 77 -13.02 13.47 9.07
N LEU A 78 -13.66 12.56 8.35
CA LEU A 78 -13.83 11.20 8.85
C LEU A 78 -12.50 10.47 8.96
N VAL A 79 -11.58 10.71 8.00
CA VAL A 79 -10.33 9.96 8.00
C VAL A 79 -9.33 10.45 9.03
N THR A 80 -9.69 11.43 9.85
CA THR A 80 -8.83 11.85 10.95
C THR A 80 -9.49 11.61 12.30
N SER A 92 -23.89 8.53 1.86
CA SER A 92 -24.50 7.91 3.04
C SER A 92 -26.03 8.01 3.05
N GLY A 93 -26.70 6.88 3.32
CA GLY A 93 -28.15 6.82 3.27
C GLY A 93 -28.67 6.34 1.92
N HIS A 94 -29.76 6.95 1.42
CA HIS A 94 -30.15 6.77 0.02
C HIS A 94 -29.92 8.07 -0.76
N ARG A 95 -28.68 8.58 -0.73
CA ARG A 95 -28.36 9.94 -1.13
C ARG A 95 -27.85 10.00 -2.57
N THR A 96 -28.17 11.12 -3.23
CA THR A 96 -27.86 11.31 -4.65
C THR A 96 -26.47 11.89 -4.83
N LEU A 97 -25.74 11.35 -5.81
CA LEU A 97 -24.34 11.71 -6.04
C LEU A 97 -24.21 13.07 -6.71
N LEU A 98 -23.37 13.93 -6.15
CA LEU A 98 -23.02 15.20 -6.75
C LEU A 98 -21.61 15.16 -7.32
N TYR A 99 -21.43 15.63 -8.54
CA TYR A 99 -20.08 15.72 -9.09
C TYR A 99 -19.19 16.48 -8.12
N GLY A 100 -17.98 15.94 -7.89
CA GLY A 100 -17.14 16.37 -6.81
C GLY A 100 -17.19 15.50 -5.57
N ASN A 101 -18.26 14.73 -5.41
CA ASN A 101 -18.37 13.78 -4.31
C ASN A 101 -17.24 12.76 -4.35
N ALA A 102 -16.80 12.34 -3.16
CA ALA A 102 -16.00 11.13 -3.00
C ALA A 102 -16.93 9.97 -2.63
N ILE A 103 -16.71 8.83 -3.27
CA ILE A 103 -17.62 7.71 -3.11
C ILE A 103 -16.81 6.48 -2.71
N LEU A 104 -17.49 5.56 -2.03
CA LEU A 104 -16.90 4.31 -1.53
C LEU A 104 -17.61 3.17 -2.22
N LEU A 105 -16.88 2.43 -3.05
CA LEU A 105 -17.46 1.42 -3.93
C LEU A 105 -17.19 0.04 -3.35
N ARG A 106 -18.22 -0.61 -2.82
CA ARG A 106 -18.08 -1.95 -2.27
C ARG A 106 -18.33 -2.99 -3.34
N HIS A 107 -17.35 -3.88 -3.52
CA HIS A 107 -17.51 -5.06 -4.35
C HIS A 107 -18.49 -6.01 -3.70
N GLN A 108 -19.56 -6.37 -4.40
CA GLN A 108 -20.67 -7.09 -3.78
C GLN A 108 -20.23 -8.48 -3.34
N ASN A 109 -19.86 -9.33 -4.31
CA ASN A 109 -19.41 -10.69 -4.06
C ASN A 109 -18.50 -10.80 -2.85
N SER A 110 -17.46 -9.97 -2.80
CA SER A 110 -16.36 -10.12 -1.86
C SER A 110 -16.51 -9.30 -0.60
N ASP A 111 -17.46 -8.37 -0.54
CA ASP A 111 -17.60 -7.44 0.59
C ASP A 111 -16.34 -6.60 0.78
N MET A 112 -15.54 -6.44 -0.27
CA MET A 112 -14.34 -5.62 -0.20
C MET A 112 -14.58 -4.34 -0.99
N TYR A 113 -13.53 -3.54 -1.16
CA TYR A 113 -13.68 -2.15 -1.58
C TYR A 113 -12.72 -1.80 -2.70
N LEU A 114 -13.26 -1.24 -3.78
CA LEU A 114 -12.43 -0.81 -4.90
C LEU A 114 -11.41 0.20 -4.41
N ALA A 115 -10.13 -0.12 -4.57
CA ALA A 115 -9.09 0.66 -3.93
C ALA A 115 -7.89 0.81 -4.84
N CYS A 116 -7.14 1.88 -4.57
CA CYS A 116 -5.80 2.05 -5.09
C CYS A 116 -4.83 1.25 -4.25
N LEU A 117 -4.07 0.35 -4.90
CA LEU A 117 -3.09 -0.44 -4.19
C LEU A 117 -1.78 0.32 -4.03
N SER A 118 -0.86 -0.27 -3.27
CA SER A 118 0.42 0.35 -2.98
C SER A 118 1.49 0.01 -4.02
N THR A 119 1.35 -1.11 -4.72
CA THR A 119 2.37 -1.58 -5.64
C THR A 119 2.18 -1.00 -7.03
N SER A 120 3.28 -0.89 -7.77
CA SER A 120 3.28 -0.21 -9.06
C SER A 120 2.97 -1.17 -10.20
N SER A 121 2.47 -0.59 -11.29
CA SER A 121 1.89 -1.38 -12.35
C SER A 121 2.97 -1.92 -13.27
N SER A 122 2.80 -3.17 -13.71
CA SER A 122 3.65 -3.70 -14.75
C SER A 122 3.46 -2.88 -16.02
N ASN A 123 4.55 -2.31 -16.53
CA ASN A 123 4.65 -1.57 -17.79
C ASN A 123 4.30 -0.08 -17.68
N ASP A 124 4.11 0.44 -16.47
CA ASP A 124 4.06 1.89 -16.27
C ASP A 124 4.47 2.17 -14.83
N LYS A 125 5.71 2.60 -14.65
CA LYS A 125 6.20 2.85 -13.30
C LYS A 125 5.46 3.98 -12.61
N LEU A 126 4.72 4.80 -13.34
CA LEU A 126 4.01 5.92 -12.76
C LEU A 126 2.57 5.62 -12.41
N ALA A 127 2.08 4.40 -12.68
CA ALA A 127 0.73 4.03 -12.27
C ALA A 127 0.77 3.13 -11.03
N PHE A 128 -0.35 3.09 -10.33
CA PHE A 128 -0.58 2.17 -9.22
C PHE A 128 -1.56 1.09 -9.65
N ASP A 129 -1.36 -0.12 -9.13
CA ASP A 129 -2.33 -1.19 -9.32
C ASP A 129 -3.65 -0.81 -8.65
N VAL A 130 -4.73 -1.32 -9.20
CA VAL A 130 -6.06 -1.13 -8.65
C VAL A 130 -6.61 -2.54 -8.36
N GLY A 131 -7.10 -2.73 -7.15
CA GLY A 131 -7.59 -4.03 -6.72
C GLY A 131 -8.62 -3.85 -5.65
N LEU A 132 -8.75 -4.86 -4.79
CA LEU A 132 -9.69 -4.80 -3.69
C LEU A 132 -8.93 -4.72 -2.37
N GLN A 133 -9.35 -3.81 -1.51
CA GLN A 133 -8.80 -3.70 -0.17
C GLN A 133 -9.79 -4.28 0.83
N GLN A 134 -9.26 -5.07 1.79
CA GLN A 134 -10.03 -5.96 2.65
C GLN A 134 -10.87 -5.21 3.68
N HIS A 135 -10.68 -3.91 3.83
CA HIS A 135 -11.41 -3.09 4.77
C HIS A 135 -11.72 -1.73 4.14
N SER A 136 -12.47 -0.89 4.85
CA SER A 136 -12.90 0.39 4.32
C SER A 136 -12.20 1.58 4.97
N GLN A 137 -10.94 1.41 5.37
CA GLN A 137 -10.22 2.43 6.12
C GLN A 137 -9.22 3.15 5.21
N GLY A 138 -9.06 4.44 5.44
CA GLY A 138 -8.09 5.24 4.72
C GLY A 138 -8.66 5.88 3.48
N GLU A 139 -7.77 6.47 2.69
CA GLU A 139 -8.13 7.19 1.48
C GLU A 139 -8.01 6.36 0.21
N ALA A 140 -7.24 5.28 0.23
CA ALA A 140 -7.02 4.49 -0.97
C ALA A 140 -8.31 3.86 -1.53
N CYS A 141 -9.40 3.84 -0.76
CA CYS A 141 -10.65 3.27 -1.25
C CYS A 141 -11.69 4.34 -1.55
N TRP A 142 -11.29 5.60 -1.68
CA TRP A 142 -12.23 6.64 -2.02
C TRP A 142 -11.91 7.19 -3.40
N TRP A 143 -12.95 7.54 -4.14
CA TRP A 143 -12.80 8.04 -5.49
C TRP A 143 -13.71 9.25 -5.63
N THR A 144 -13.14 10.38 -6.09
CA THR A 144 -13.96 11.53 -6.42
C THR A 144 -14.52 11.35 -7.82
N VAL A 145 -15.75 11.86 -8.02
CA VAL A 145 -16.45 11.78 -9.29
C VAL A 145 -16.42 13.12 -10.02
N HIS A 146 -16.14 13.07 -11.31
CA HIS A 146 -15.93 14.27 -12.08
C HIS A 146 -16.57 14.08 -13.45
N PRO A 147 -17.08 15.16 -14.04
CA PRO A 147 -17.70 15.06 -15.36
C PRO A 147 -16.70 14.59 -16.40
N ALA A 148 -17.13 13.64 -17.23
CA ALA A 148 -16.39 13.30 -18.44
C ALA A 148 -16.76 14.18 -19.64
N SER A 149 -17.35 15.35 -19.41
CA SER A 149 -17.67 16.26 -20.50
C SER A 149 -18.08 17.63 -19.95
N LYS A 150 -18.03 18.62 -20.83
CA LYS A 150 -18.49 19.96 -20.47
C LYS A 150 -19.98 20.00 -20.18
N GLN A 151 -20.73 18.97 -20.56
CA GLN A 151 -22.16 18.97 -20.34
C GLN A 151 -22.53 18.93 -18.86
N ARG A 152 -21.57 18.72 -17.95
CA ARG A 152 -21.86 18.76 -16.53
C ARG A 152 -20.78 19.53 -15.79
N SER A 153 -21.14 20.06 -14.62
CA SER A 153 -20.26 20.87 -13.81
C SER A 153 -20.28 20.38 -12.36
N GLU A 154 -19.20 20.66 -11.64
CA GLU A 154 -19.06 20.21 -10.26
C GLU A 154 -20.29 20.63 -9.45
N GLY A 155 -20.66 19.78 -8.49
CA GLY A 155 -21.81 20.06 -7.65
C GLY A 155 -23.14 19.74 -8.28
N GLU A 156 -23.19 19.30 -9.52
CA GLU A 156 -24.43 18.88 -10.13
C GLU A 156 -24.71 17.41 -9.83
N LYS A 157 -25.99 17.04 -9.87
CA LYS A 157 -26.36 15.66 -9.64
C LYS A 157 -25.77 14.77 -10.73
N VAL A 158 -25.29 13.60 -10.33
CA VAL A 158 -24.82 12.62 -11.29
C VAL A 158 -26.00 11.84 -11.84
N ARG A 159 -26.13 11.80 -13.16
CA ARG A 159 -27.21 11.06 -13.80
C ARG A 159 -26.73 9.70 -14.29
N VAL A 160 -27.48 8.67 -13.93
CA VAL A 160 -27.40 7.36 -14.59
C VAL A 160 -27.22 7.59 -16.08
N GLY A 161 -26.20 6.97 -16.68
CA GLY A 161 -25.91 7.16 -18.08
C GLY A 161 -24.82 8.17 -18.36
N ASP A 162 -24.58 9.09 -17.43
CA ASP A 162 -23.44 9.97 -17.57
C ASP A 162 -22.15 9.16 -17.61
N ASP A 163 -21.19 9.67 -18.37
CA ASP A 163 -19.83 9.18 -18.32
C ASP A 163 -19.08 9.85 -17.18
N LEU A 164 -18.29 9.07 -16.47
CA LEU A 164 -17.62 9.53 -15.27
C LEU A 164 -16.11 9.51 -15.42
N ILE A 165 -15.47 10.41 -14.69
CA ILE A 165 -14.04 10.37 -14.41
C ILE A 165 -13.86 10.08 -12.93
N LEU A 166 -13.05 9.06 -12.61
CA LEU A 166 -12.85 8.66 -11.22
C LEU A 166 -11.40 8.89 -10.82
N VAL A 167 -11.21 9.76 -9.84
CA VAL A 167 -9.90 10.16 -9.36
C VAL A 167 -9.71 9.55 -7.98
N SER A 168 -8.63 8.81 -7.81
CA SER A 168 -8.29 8.28 -6.50
C SER A 168 -8.00 9.41 -5.53
N VAL A 169 -8.69 9.41 -4.38
CA VAL A 169 -8.38 10.39 -3.35
C VAL A 169 -6.94 10.26 -2.87
N ALA A 170 -6.43 9.02 -2.75
CA ALA A 170 -5.14 8.83 -2.10
C ALA A 170 -3.99 9.25 -3.02
N THR A 171 -4.02 8.79 -4.27
CA THR A 171 -2.88 8.99 -5.17
C THR A 171 -3.16 9.98 -6.28
N GLU A 172 -4.33 10.64 -6.28
CA GLU A 172 -4.66 11.69 -7.26
C GLU A 172 -4.42 11.23 -8.69
N ARG A 173 -4.72 9.96 -8.96
CA ARG A 173 -4.65 9.40 -10.29
C ARG A 173 -6.04 8.95 -10.74
N TYR A 174 -6.21 8.87 -12.06
CA TYR A 174 -7.47 8.41 -12.64
C TYR A 174 -7.56 6.90 -12.58
N LEU A 175 -8.73 6.38 -12.20
CA LEU A 175 -9.00 5.00 -12.53
C LEU A 175 -8.98 4.90 -14.05
N HIS A 176 -8.12 4.03 -14.56
CA HIS A 176 -7.68 4.08 -15.95
C HIS A 176 -7.53 2.67 -16.50
N THR A 177 -7.79 2.51 -17.79
CA THR A 177 -7.69 1.21 -18.43
C THR A 177 -6.98 1.35 -19.76
N THR A 178 -6.11 0.39 -20.07
CA THR A 178 -5.30 0.42 -21.28
C THR A 178 -4.75 -0.98 -21.51
N LYS A 179 -3.81 -1.11 -22.46
CA LYS A 179 -3.34 -2.43 -22.86
C LYS A 179 -1.83 -2.52 -22.75
N GLU A 180 -1.34 -3.75 -22.66
CA GLU A 180 0.10 -4.02 -22.68
C GLU A 180 0.28 -5.43 -23.23
N ASN A 181 0.89 -5.52 -24.43
CA ASN A 181 0.88 -6.75 -25.23
C ASN A 181 -0.56 -7.17 -25.51
N ASP A 182 -1.36 -6.19 -25.99
CA ASP A 182 -2.81 -6.28 -26.12
C ASP A 182 -3.45 -7.11 -25.03
N LEU A 183 -3.50 -6.57 -23.82
CA LEU A 183 -4.24 -7.16 -22.72
C LEU A 183 -4.76 -5.99 -21.90
N SER A 184 -6.06 -5.72 -21.99
CA SER A 184 -6.59 -4.54 -21.34
C SER A 184 -6.42 -4.63 -19.83
N VAL A 185 -5.53 -3.82 -19.27
CA VAL A 185 -5.27 -3.81 -17.85
C VAL A 185 -5.91 -2.58 -17.23
N VAL A 186 -5.91 -2.54 -15.89
CA VAL A 186 -6.62 -1.51 -15.12
C VAL A 186 -5.70 -1.02 -14.02
N ASN A 187 -5.58 0.29 -13.88
CA ASN A 187 -4.66 0.85 -12.89
C ASN A 187 -5.14 2.24 -12.51
N ALA A 188 -4.31 2.96 -11.79
CA ALA A 188 -4.54 4.36 -11.47
C ALA A 188 -3.33 5.13 -12.01
N SER A 189 -3.57 6.00 -12.99
CA SER A 189 -2.48 6.65 -13.70
C SER A 189 -2.87 8.08 -14.03
N PHE A 190 -1.98 8.80 -14.72
CA PHE A 190 -2.19 10.21 -15.04
C PHE A 190 -2.86 10.42 -16.39
N HIS A 191 -3.20 9.33 -17.08
CA HIS A 191 -4.07 9.36 -18.24
C HIS A 191 -5.48 8.95 -17.83
N VAL A 192 -6.49 9.57 -18.47
CA VAL A 192 -7.88 9.45 -18.02
C VAL A 192 -8.64 8.47 -18.89
N THR A 193 -9.53 7.69 -18.26
CA THR A 193 -10.57 6.92 -18.92
C THR A 193 -11.94 7.51 -18.56
N HIS A 194 -12.87 7.38 -19.49
CA HIS A 194 -14.26 7.70 -19.23
C HIS A 194 -14.98 6.40 -18.91
N TRP A 195 -15.65 6.36 -17.75
CA TRP A 195 -16.43 5.21 -17.33
C TRP A 195 -17.92 5.56 -17.37
N SER A 196 -18.73 4.60 -17.80
CA SER A 196 -20.19 4.73 -17.77
C SER A 196 -20.73 3.80 -16.69
N VAL A 197 -21.45 4.38 -15.74
CA VAL A 197 -21.97 3.64 -14.60
C VAL A 197 -23.32 3.04 -14.98
N GLN A 198 -23.36 1.72 -15.12
CA GLN A 198 -24.63 1.12 -15.50
C GLN A 198 -25.29 0.43 -14.31
N PRO A 199 -26.60 0.59 -14.10
CA PRO A 199 -27.23 -0.04 -12.94
C PRO A 199 -27.40 -1.55 -13.11
N TYR A 200 -27.24 -2.28 -12.00
CA TYR A 200 -27.43 -3.73 -11.98
C TYR A 200 -28.84 -4.05 -11.51
N GLY A 201 -29.56 -4.84 -12.31
CA GLY A 201 -30.88 -5.27 -11.92
C GLY A 201 -31.96 -4.21 -12.02
N THR A 202 -33.22 -4.67 -12.06
CA THR A 202 -34.40 -3.82 -12.22
C THR A 202 -34.59 -2.86 -11.05
N SER B 14 10.94 -18.78 21.46
CA SER B 14 12.29 -18.50 21.97
C SER B 14 13.15 -17.82 20.90
N PHE B 15 13.11 -18.35 19.67
CA PHE B 15 13.95 -17.90 18.58
C PHE B 15 13.13 -17.28 17.46
N LEU B 16 13.53 -16.10 17.01
CA LEU B 16 12.99 -15.58 15.75
C LEU B 16 13.15 -16.65 14.67
N ARG B 17 12.10 -16.82 13.90
CA ARG B 17 12.11 -17.78 12.80
C ARG B 17 11.53 -17.11 11.58
N THR B 18 11.81 -17.69 10.42
CA THR B 18 11.22 -17.14 9.21
C THR B 18 9.69 -17.28 9.24
N GLU B 19 9.04 -16.44 8.45
CA GLU B 19 7.59 -16.33 8.36
C GLU B 19 6.96 -15.79 9.65
N ASP B 20 7.77 -15.55 10.68
CA ASP B 20 7.22 -14.91 11.87
C ASP B 20 6.76 -13.49 11.54
N MET B 21 5.86 -12.98 12.35
CA MET B 21 5.38 -11.61 12.19
C MET B 21 5.95 -10.78 13.34
N VAL B 22 6.65 -9.70 13.01
CA VAL B 22 7.46 -8.99 13.99
C VAL B 22 7.15 -7.50 13.93
N CYS B 23 7.37 -6.84 15.06
CA CYS B 23 7.27 -5.39 15.17
C CYS B 23 8.61 -4.86 15.69
N LEU B 24 9.33 -4.13 14.84
CA LEU B 24 10.66 -3.61 15.16
C LEU B 24 10.52 -2.35 16.00
N SER B 25 10.95 -2.43 17.25
CA SER B 25 10.80 -1.34 18.20
C SER B 25 12.14 -0.95 18.76
N CYS B 26 12.22 0.29 19.24
CA CYS B 26 13.42 0.77 19.91
C CYS B 26 12.98 1.92 20.81
N THR B 27 13.93 2.42 21.59
CA THR B 27 13.68 3.58 22.43
C THR B 27 14.10 4.82 21.66
N ALA B 28 13.16 5.74 21.45
CA ALA B 28 13.43 6.99 20.76
C ALA B 28 13.21 8.13 21.75
N THR B 29 14.30 8.66 22.30
CA THR B 29 14.28 9.80 23.21
C THR B 29 13.22 9.62 24.30
N GLY B 30 13.35 8.53 25.04
CA GLY B 30 12.42 8.26 26.11
C GLY B 30 11.41 7.19 25.78
N GLU B 31 10.38 7.52 25.01
CA GLU B 31 9.31 6.57 24.74
C GLU B 31 9.79 5.46 23.82
N ARG B 32 9.29 4.25 24.04
CA ARG B 32 9.48 3.18 23.08
C ARG B 32 8.67 3.48 21.83
N VAL B 33 9.19 3.05 20.68
CA VAL B 33 8.61 3.35 19.38
C VAL B 33 8.75 2.11 18.50
N CYS B 34 7.91 2.02 17.46
CA CYS B 34 8.02 0.96 16.47
C CYS B 34 8.21 1.56 15.08
N LEU B 35 8.99 0.85 14.28
CA LEU B 35 9.24 1.24 12.90
C LEU B 35 7.97 1.04 12.09
N ALA B 36 7.48 2.10 11.48
CA ALA B 36 6.22 2.06 10.76
C ALA B 36 6.40 2.54 9.33
N ALA B 37 5.42 2.22 8.48
CA ALA B 37 5.41 2.62 7.09
C ALA B 37 3.97 2.54 6.58
N GLU B 38 3.72 3.28 5.51
CA GLU B 38 2.41 3.26 4.85
C GLU B 38 2.51 2.84 3.40
N GLY B 39 3.28 3.55 2.59
CA GLY B 39 3.34 3.22 1.19
C GLY B 39 2.13 3.67 0.41
N PHE B 40 2.02 4.98 0.20
CA PHE B 40 1.24 5.52 -0.91
C PHE B 40 1.98 6.73 -1.46
N GLY B 41 2.53 7.56 -0.58
CA GLY B 41 3.22 8.78 -0.98
C GLY B 41 4.71 8.61 -1.14
N ASN B 42 5.50 9.39 -0.39
CA ASN B 42 6.94 9.17 -0.34
C ASN B 42 7.26 7.71 -0.05
N ARG B 43 6.41 7.04 0.74
CA ARG B 43 6.66 5.66 1.14
C ARG B 43 7.93 5.56 1.98
N HIS B 44 8.13 6.56 2.84
CA HIS B 44 9.24 6.61 3.79
C HIS B 44 8.79 6.08 5.15
N CYS B 45 9.68 5.33 5.78
CA CYS B 45 9.36 4.81 7.10
C CYS B 45 9.24 5.95 8.09
N PHE B 46 8.52 5.68 9.16
CA PHE B 46 8.37 6.62 10.24
C PHE B 46 8.17 5.82 11.52
N LEU B 47 8.06 6.53 12.63
CA LEU B 47 8.05 5.92 13.95
C LEU B 47 6.74 6.22 14.68
N GLU B 48 6.25 5.24 15.43
CA GLU B 48 4.95 5.32 16.11
C GLU B 48 5.12 5.10 17.61
N ASN B 49 4.54 5.98 18.41
CA ASN B 49 4.74 5.91 19.86
C ASN B 49 4.00 4.71 20.44
N ILE B 50 4.60 4.12 21.48
CA ILE B 50 4.04 2.97 22.17
C ILE B 50 4.19 3.18 23.68
N LEU B 59 -0.96 0.36 15.13
CA LEU B 59 -0.39 -0.95 15.42
C LEU B 59 -0.03 -1.67 14.11
N SER B 60 -1.03 -1.86 13.23
CA SER B 60 -0.82 -2.68 12.04
C SER B 60 0.26 -2.12 11.13
N GLN B 61 0.36 -0.79 11.04
CA GLN B 61 1.36 -0.16 10.18
C GLN B 61 2.80 -0.46 10.62
N CYS B 62 2.97 -1.09 11.80
CA CYS B 62 4.26 -1.40 12.41
C CYS B 62 4.61 -2.87 12.30
N VAL B 63 3.96 -3.62 11.42
CA VAL B 63 4.07 -5.07 11.41
C VAL B 63 4.84 -5.49 10.17
N PHE B 64 5.88 -6.29 10.37
CA PHE B 64 6.69 -6.80 9.28
C PHE B 64 6.75 -8.32 9.34
N VAL B 65 6.89 -8.95 8.18
CA VAL B 65 7.05 -10.39 8.07
C VAL B 65 8.49 -10.68 7.69
N ILE B 66 9.17 -11.50 8.51
CA ILE B 66 10.54 -11.95 8.25
C ILE B 66 10.49 -12.99 7.15
N GLU B 67 10.66 -12.57 5.90
CA GLU B 67 10.35 -13.48 4.80
C GLU B 67 11.50 -14.43 4.50
N GLN B 68 12.72 -13.92 4.35
CA GLN B 68 13.85 -14.77 4.08
C GLN B 68 14.93 -14.52 5.12
N ALA B 69 15.88 -15.44 5.19
CA ALA B 69 17.04 -15.29 6.07
C ALA B 69 18.14 -16.17 5.50
N LEU B 70 19.18 -15.54 4.95
CA LEU B 70 20.27 -16.24 4.26
C LEU B 70 21.62 -15.89 4.88
N SER B 71 22.58 -16.80 4.70
CA SER B 71 23.95 -16.38 4.89
C SER B 71 24.34 -15.45 3.74
N VAL B 72 25.43 -14.71 3.94
CA VAL B 72 25.79 -13.72 2.93
C VAL B 72 26.21 -14.39 1.63
N ARG B 73 26.88 -15.55 1.71
CA ARG B 73 27.21 -16.27 0.49
C ARG B 73 25.95 -16.79 -0.19
N ALA B 74 25.02 -17.32 0.61
CA ALA B 74 23.72 -17.70 0.06
C ALA B 74 23.09 -16.52 -0.65
N LEU B 75 23.12 -15.35 -0.01
CA LEU B 75 22.47 -14.16 -0.58
C LEU B 75 23.20 -13.67 -1.82
N GLN B 76 24.53 -13.86 -1.87
CA GLN B 76 25.36 -13.30 -2.91
C GLN B 76 24.96 -13.77 -4.32
N GLU B 77 23.96 -14.64 -4.43
CA GLU B 77 23.37 -14.92 -5.73
C GLU B 77 22.75 -13.65 -6.30
N LEU B 78 23.03 -13.37 -7.57
CA LEU B 78 22.53 -12.19 -8.26
C LEU B 78 23.07 -12.18 -9.68
N HIS B 94 9.47 -22.58 8.39
CA HIS B 94 10.18 -21.83 9.42
C HIS B 94 11.67 -22.14 9.41
N ARG B 95 12.48 -21.12 9.72
CA ARG B 95 13.93 -21.28 9.89
C ARG B 95 14.39 -20.26 10.92
N THR B 96 15.08 -20.71 11.95
CA THR B 96 15.53 -19.81 13.00
C THR B 96 16.66 -18.91 12.50
N LEU B 97 16.55 -17.62 12.80
CA LEU B 97 17.58 -16.68 12.39
C LEU B 97 18.83 -16.85 13.22
N LEU B 98 19.98 -16.75 12.56
CA LEU B 98 21.28 -16.77 13.21
C LEU B 98 21.90 -15.40 13.07
N TYR B 99 22.56 -14.93 14.13
CA TYR B 99 23.30 -13.67 14.01
C TYR B 99 24.25 -13.76 12.83
N GLY B 100 24.34 -12.66 12.07
CA GLY B 100 25.10 -12.63 10.82
C GLY B 100 24.30 -13.04 9.60
N ASN B 101 23.13 -13.64 9.77
CA ASN B 101 22.20 -13.83 8.66
C ASN B 101 21.86 -12.48 8.02
N ALA B 102 21.48 -12.52 6.75
CA ALA B 102 20.82 -11.40 6.09
C ALA B 102 19.34 -11.74 5.94
N ILE B 103 18.47 -10.73 6.08
CA ILE B 103 17.03 -10.93 6.13
C ILE B 103 16.28 -9.93 5.26
N LEU B 104 15.18 -10.38 4.67
CA LEU B 104 14.20 -9.54 4.00
C LEU B 104 13.01 -9.33 4.91
N LEU B 105 12.41 -8.13 4.83
CA LEU B 105 11.27 -7.78 5.67
C LEU B 105 10.15 -7.17 4.83
N ARG B 106 9.11 -7.97 4.56
CA ARG B 106 7.92 -7.50 3.90
C ARG B 106 7.07 -6.69 4.88
N HIS B 107 6.79 -5.44 4.53
CA HIS B 107 5.79 -4.68 5.28
C HIS B 107 4.44 -5.36 5.10
N GLN B 108 3.68 -5.46 6.20
CA GLN B 108 2.47 -6.27 6.13
C GLN B 108 1.45 -5.66 5.18
N ASN B 109 1.03 -4.42 5.44
CA ASN B 109 -0.10 -3.83 4.74
C ASN B 109 0.17 -3.59 3.26
N SER B 110 1.38 -3.18 2.91
CA SER B 110 1.71 -2.81 1.54
C SER B 110 2.34 -3.94 0.73
N ASP B 111 2.68 -5.06 1.37
CA ASP B 111 3.43 -6.15 0.74
C ASP B 111 4.66 -5.64 -0.02
N MET B 112 5.32 -4.65 0.56
CA MET B 112 6.60 -4.17 0.07
C MET B 112 7.66 -4.33 1.15
N TYR B 113 8.92 -4.11 0.75
CA TYR B 113 10.05 -4.52 1.57
C TYR B 113 10.73 -3.32 2.20
N LEU B 114 11.08 -3.47 3.47
CA LEU B 114 11.87 -2.44 4.12
C LEU B 114 13.22 -2.34 3.41
N ALA B 115 13.52 -1.17 2.89
CA ALA B 115 14.74 -1.02 2.12
C ALA B 115 15.49 0.21 2.57
N CYS B 116 16.81 0.15 2.36
CA CYS B 116 17.65 1.33 2.39
C CYS B 116 17.50 2.02 1.04
N LEU B 117 17.10 3.28 1.03
CA LEU B 117 16.83 3.97 -0.22
C LEU B 117 18.01 4.81 -0.68
N SER B 118 18.00 5.16 -1.96
CA SER B 118 19.13 5.85 -2.57
C SER B 118 19.16 7.35 -2.25
N THR B 119 18.08 7.91 -1.72
CA THR B 119 18.00 9.34 -1.48
C THR B 119 18.41 9.69 -0.05
N SER B 120 18.89 10.91 0.13
CA SER B 120 19.21 11.46 1.43
C SER B 120 18.20 12.53 1.77
N SER B 121 17.72 12.54 3.01
CA SER B 121 16.65 13.46 3.36
C SER B 121 16.61 13.71 4.87
N SER B 122 17.68 14.27 5.40
CA SER B 122 17.68 14.94 6.69
C SER B 122 18.73 16.05 6.57
N ASN B 123 19.21 16.54 7.72
CA ASN B 123 20.44 17.32 7.66
C ASN B 123 21.63 16.43 7.38
N ASP B 124 21.48 15.12 7.56
CA ASP B 124 22.54 14.15 7.29
C ASP B 124 22.53 13.81 5.81
N LYS B 125 23.38 14.48 5.04
CA LYS B 125 23.64 14.06 3.67
C LYS B 125 24.26 12.68 3.62
N LEU B 126 24.89 12.25 4.71
CA LEU B 126 25.59 10.98 4.76
C LEU B 126 24.70 9.82 5.21
N ALA B 127 23.43 10.06 5.49
CA ALA B 127 22.48 9.01 5.86
C ALA B 127 21.47 8.81 4.74
N PHE B 128 21.21 7.57 4.39
CA PHE B 128 20.19 7.29 3.39
C PHE B 128 18.81 7.25 4.01
N ASP B 129 17.81 7.46 3.18
CA ASP B 129 16.41 7.33 3.57
C ASP B 129 16.06 5.85 3.68
N VAL B 130 15.20 5.52 4.63
CA VAL B 130 14.68 4.17 4.75
C VAL B 130 13.20 4.19 4.43
N GLY B 131 12.75 3.25 3.62
CA GLY B 131 11.33 3.18 3.28
C GLY B 131 10.97 1.87 2.60
N LEU B 132 9.84 1.88 1.90
CA LEU B 132 9.37 0.65 1.27
C LEU B 132 9.83 0.55 -0.17
N GLN B 133 9.84 -0.68 -0.66
CA GLN B 133 10.35 -0.98 -1.99
C GLN B 133 9.61 -2.22 -2.49
N GLN B 134 9.31 -2.23 -3.79
CA GLN B 134 8.39 -3.23 -4.31
C GLN B 134 9.09 -4.56 -4.61
N HIS B 135 10.33 -4.51 -5.10
CA HIS B 135 11.00 -5.69 -5.63
C HIS B 135 12.21 -6.05 -4.78
N SER B 136 12.28 -7.31 -4.37
CA SER B 136 13.30 -7.81 -3.46
C SER B 136 14.66 -8.00 -4.11
N GLN B 137 14.78 -7.79 -5.42
CA GLN B 137 16.09 -7.82 -6.07
C GLN B 137 16.98 -6.74 -5.46
N GLY B 138 18.27 -6.82 -5.80
CA GLY B 138 19.25 -5.88 -5.27
C GLY B 138 19.45 -6.03 -3.77
N GLU B 139 20.50 -5.42 -3.24
CA GLU B 139 20.85 -5.62 -1.84
C GLU B 139 20.07 -4.74 -0.88
N ALA B 140 19.39 -3.69 -1.37
CA ALA B 140 18.84 -2.67 -0.48
C ALA B 140 17.74 -3.20 0.43
N CYS B 141 17.11 -4.32 0.11
CA CYS B 141 16.09 -4.86 0.98
C CYS B 141 16.64 -5.84 2.01
N TRP B 142 17.96 -6.01 2.08
CA TRP B 142 18.59 -7.05 2.87
C TRP B 142 19.35 -6.44 4.03
N TRP B 143 19.06 -6.91 5.25
CA TRP B 143 19.69 -6.40 6.46
C TRP B 143 20.33 -7.56 7.22
N THR B 144 21.61 -7.43 7.55
CA THR B 144 22.24 -8.46 8.38
C THR B 144 22.06 -8.13 9.85
N VAL B 145 21.97 -9.19 10.65
CA VAL B 145 21.55 -9.13 12.04
C VAL B 145 22.76 -9.30 12.94
N HIS B 146 22.84 -8.51 14.00
CA HIS B 146 24.05 -8.49 14.79
C HIS B 146 23.69 -8.29 16.24
N PRO B 147 24.44 -8.87 17.17
CA PRO B 147 24.13 -8.70 18.59
C PRO B 147 24.34 -7.27 19.04
N ALA B 148 23.41 -6.79 19.86
CA ALA B 148 23.58 -5.47 20.45
C ALA B 148 24.33 -5.52 21.77
N SER B 149 24.69 -6.69 22.27
CA SER B 149 25.51 -6.80 23.47
C SER B 149 26.60 -7.83 23.25
N LYS B 150 27.50 -7.95 24.22
CA LYS B 150 28.55 -8.95 24.14
C LYS B 150 28.05 -10.34 24.49
N GLN B 151 26.82 -10.47 24.98
CA GLN B 151 26.27 -11.77 25.35
C GLN B 151 26.02 -12.68 24.14
N ARG B 152 26.09 -12.16 22.91
CA ARG B 152 25.83 -12.98 21.74
C ARG B 152 26.97 -12.84 20.75
N SER B 153 27.11 -13.85 19.90
CA SER B 153 28.21 -13.88 18.95
C SER B 153 27.73 -14.48 17.64
N GLU B 154 28.46 -14.14 16.57
CA GLU B 154 28.07 -14.52 15.22
C GLU B 154 27.80 -16.01 15.14
N GLY B 155 26.77 -16.37 14.39
CA GLY B 155 26.42 -17.75 14.20
C GLY B 155 25.52 -18.31 15.28
N GLU B 156 25.18 -17.52 16.29
CA GLU B 156 24.31 -18.02 17.35
C GLU B 156 22.84 -17.77 17.01
N LYS B 157 21.96 -18.60 17.58
CA LYS B 157 20.53 -18.48 17.33
C LYS B 157 20.01 -17.17 17.92
N VAL B 158 19.32 -16.39 17.10
CA VAL B 158 18.80 -15.11 17.57
C VAL B 158 17.57 -15.39 18.45
N ARG B 159 17.63 -14.91 19.68
CA ARG B 159 16.50 -15.05 20.60
C ARG B 159 15.57 -13.85 20.52
N VAL B 160 14.27 -14.13 20.55
CA VAL B 160 13.26 -13.16 20.96
C VAL B 160 13.72 -12.55 22.27
N GLY B 161 13.43 -11.27 22.49
CA GLY B 161 13.92 -10.59 23.67
C GLY B 161 15.31 -10.05 23.55
N ASP B 162 16.10 -10.54 22.59
CA ASP B 162 17.39 -9.92 22.32
C ASP B 162 17.21 -8.56 21.67
N ASP B 163 18.19 -7.70 21.87
CA ASP B 163 18.32 -6.43 21.16
C ASP B 163 19.24 -6.63 19.97
N LEU B 164 18.88 -6.01 18.84
CA LEU B 164 19.52 -6.31 17.57
C LEU B 164 20.07 -5.04 16.92
N ILE B 165 21.19 -5.20 16.21
CA ILE B 165 21.70 -4.20 15.29
C ILE B 165 21.38 -4.65 13.86
N LEU B 166 20.82 -3.76 13.05
CA LEU B 166 20.55 -4.04 11.65
C LEU B 166 21.43 -3.19 10.76
N VAL B 167 22.03 -3.81 9.75
CA VAL B 167 23.00 -3.18 8.87
C VAL B 167 22.55 -3.41 7.45
N SER B 168 22.42 -2.33 6.69
CA SER B 168 22.04 -2.48 5.29
C SER B 168 23.11 -3.28 4.57
N VAL B 169 22.69 -4.35 3.89
CA VAL B 169 23.62 -5.07 3.03
C VAL B 169 24.13 -4.17 1.91
N ALA B 170 23.27 -3.29 1.39
CA ALA B 170 23.64 -2.47 0.24
C ALA B 170 24.62 -1.36 0.61
N THR B 171 24.32 -0.62 1.68
CA THR B 171 25.11 0.55 2.04
C THR B 171 25.95 0.37 3.31
N GLU B 172 25.83 -0.75 4.00
CA GLU B 172 26.68 -1.06 5.16
C GLU B 172 26.54 -0.01 6.27
N ARG B 173 25.35 0.56 6.39
CA ARG B 173 24.99 1.50 7.44
C ARG B 173 23.95 0.87 8.38
N TYR B 174 23.88 1.39 9.60
CA TYR B 174 22.94 0.89 10.59
C TYR B 174 21.53 1.48 10.40
N LEU B 175 20.52 0.62 10.52
CA LEU B 175 19.16 1.11 10.72
C LEU B 175 19.15 1.95 11.98
N HIS B 176 18.87 3.23 11.84
CA HIS B 176 19.11 4.14 12.93
C HIS B 176 17.95 5.11 13.05
N THR B 177 17.67 5.53 14.27
CA THR B 177 16.64 6.51 14.51
C THR B 177 17.23 7.71 15.25
N THR B 178 16.79 8.90 14.87
CA THR B 178 17.33 10.13 15.44
C THR B 178 16.22 11.18 15.50
N LYS B 179 16.45 12.20 16.32
CA LYS B 179 15.56 13.35 16.42
C LYS B 179 16.10 14.44 15.51
N GLU B 180 15.35 14.77 14.48
CA GLU B 180 15.74 15.80 13.52
C GLU B 180 14.64 16.86 13.48
N ASN B 181 15.03 18.12 13.69
CA ASN B 181 14.08 19.23 13.71
C ASN B 181 12.92 18.96 14.66
N ASP B 182 13.24 18.32 15.79
CA ASP B 182 12.30 17.98 16.85
C ASP B 182 11.32 16.88 16.45
N LEU B 183 11.53 16.22 15.31
CA LEU B 183 10.77 15.04 14.92
C LEU B 183 11.73 13.86 14.80
N SER B 184 11.52 12.83 15.64
CA SER B 184 12.34 11.64 15.52
C SER B 184 12.12 11.00 14.15
N VAL B 185 13.22 10.68 13.47
CA VAL B 185 13.18 10.15 12.12
C VAL B 185 14.06 8.89 12.06
N VAL B 186 13.92 8.15 10.96
CA VAL B 186 14.64 6.91 10.77
C VAL B 186 15.37 6.97 9.44
N ASN B 187 16.60 6.48 9.43
CA ASN B 187 17.43 6.47 8.24
C ASN B 187 18.43 5.32 8.37
N ALA B 188 19.45 5.34 7.51
CA ALA B 188 20.50 4.35 7.51
C ALA B 188 21.82 5.09 7.65
N SER B 189 22.55 4.80 8.74
CA SER B 189 23.56 5.71 9.24
C SER B 189 24.73 4.94 9.82
N PHE B 190 25.85 5.64 9.97
CA PHE B 190 26.99 5.11 10.72
C PHE B 190 26.84 5.32 12.21
N HIS B 191 25.66 5.68 12.70
CA HIS B 191 25.41 5.77 14.13
C HIS B 191 24.38 4.70 14.51
N VAL B 192 24.66 3.97 15.59
CA VAL B 192 23.96 2.71 15.86
C VAL B 192 22.73 2.97 16.73
N THR B 193 21.70 2.16 16.52
CA THR B 193 20.57 2.08 17.43
C THR B 193 20.31 0.59 17.66
N HIS B 194 19.97 0.24 18.90
CA HIS B 194 19.60 -1.13 19.24
C HIS B 194 18.11 -1.28 19.04
N TRP B 195 17.72 -2.34 18.32
CA TRP B 195 16.32 -2.61 18.03
C TRP B 195 15.86 -3.87 18.75
N SER B 196 14.66 -3.81 19.30
CA SER B 196 13.98 -4.97 19.86
C SER B 196 12.89 -5.43 18.90
N VAL B 197 12.80 -6.73 18.69
CA VAL B 197 12.00 -7.31 17.61
C VAL B 197 10.96 -8.26 18.24
N GLN B 198 9.76 -7.73 18.51
CA GLN B 198 8.77 -8.44 19.32
C GLN B 198 8.26 -9.70 18.63
N PRO B 199 7.94 -10.77 19.42
CA PRO B 199 7.48 -12.04 18.84
C PRO B 199 6.39 -11.83 17.81
N TYR B 200 5.30 -11.16 18.23
N TYR B 200 5.31 -11.19 18.19
CA TYR B 200 4.17 -10.77 17.39
CA TYR B 200 4.47 -10.53 17.20
C TYR B 200 3.64 -9.36 17.68
C TYR B 200 4.32 -9.06 17.48
N GLY B 201 4.11 -8.68 18.74
CA GLY B 201 3.79 -7.30 19.04
C GLY B 201 2.31 -7.03 19.36
MG MG C . -18.13 -3.98 5.00
#